data_4FGR
#
_entry.id   4FGR
#
_cell.length_a   45.931
_cell.length_b   65.111
_cell.length_c   85.837
_cell.angle_alpha   90.00
_cell.angle_beta   91.96
_cell.angle_gamma   90.00
#
_symmetry.space_group_name_H-M   'P 1 21 1'
#
loop_
_entity.id
_entity.type
_entity.pdbx_description
1 polymer 'Phosphoribosylaminoimidazole-succinocarboxamide synthase'
2 non-polymer 'MAGNESIUM ION'
3 non-polymer "ADENOSINE-5'-DIPHOSPHATE"
4 non-polymer 'CHLORIDE ION'
5 non-polymer 'ACETATE ION'
6 water water
#
_entity_poly.entity_id   1
_entity_poly.type   'polypeptide(L)'
_entity_poly.pdbx_seq_one_letter_code
;MGSSHHHHHHSSGLVPRGSHMSKQLIYSGKAKDIYTTEDENLIISTYKDQATAFNGVKKEQIAGKGVLNNQISSFIFEKL
NVAGVATHFVEKLSDTEQLNKKVKIIPLEVVLRNYTAGSFSKRFGVDEGIALETPIVEFYYKNDDLDDPFINDEHVKFLQ
IAGDQQIAYLKEETRRINELLKVWFAEIGLKLIDFKLEFGFDKDGKIILADEFSPDNCRLWDADGNHMDKDVFRRGLGEL
TDVYEIVWEKLQELK
;
_entity_poly.pdbx_strand_id   A,B
#
loop_
_chem_comp.id
_chem_comp.type
_chem_comp.name
_chem_comp.formula
ACT non-polymer 'ACETATE ION' 'C2 H3 O2 -1'
ADP non-polymer ADENOSINE-5'-DIPHOSPHATE 'C10 H15 N5 O10 P2'
CL non-polymer 'CHLORIDE ION' 'Cl -1'
MG non-polymer 'MAGNESIUM ION' 'Mg 2'
#
# COMPACT_ATOMS: atom_id res chain seq x y z
N MET A 21 -32.80 -26.94 8.31
CA MET A 21 -31.74 -26.36 7.42
C MET A 21 -30.90 -27.47 6.75
N SER A 22 -31.13 -27.69 5.45
CA SER A 22 -30.41 -28.72 4.69
C SER A 22 -30.31 -28.52 3.17
N LYS A 23 -29.16 -27.98 2.76
CA LYS A 23 -28.70 -27.85 1.36
C LYS A 23 -27.15 -27.89 1.31
N GLN A 24 -26.56 -27.58 0.16
CA GLN A 24 -25.14 -27.87 -0.07
C GLN A 24 -24.17 -26.69 0.06
N LEU A 25 -22.90 -27.03 0.32
CA LEU A 25 -21.84 -26.09 0.63
C LEU A 25 -21.26 -25.42 -0.62
N ILE A 26 -21.00 -24.11 -0.54
CA ILE A 26 -20.52 -23.31 -1.65
C ILE A 26 -19.06 -22.92 -1.39
N TYR A 27 -18.79 -22.47 -0.16
CA TYR A 27 -17.43 -22.49 0.41
C TYR A 27 -17.33 -22.33 1.91
N SER A 28 -16.34 -23.01 2.48
CA SER A 28 -15.99 -22.92 3.89
C SER A 28 -14.98 -21.82 4.14
N GLY A 29 -15.28 -20.92 5.07
CA GLY A 29 -14.35 -19.86 5.45
C GLY A 29 -13.73 -20.15 6.81
N LYS A 30 -12.99 -19.18 7.36
CA LYS A 30 -12.47 -19.31 8.72
C LYS A 30 -13.57 -19.03 9.73
N ALA A 31 -14.52 -18.14 9.39
CA ALA A 31 -15.62 -17.75 10.30
C ALA A 31 -17.01 -18.22 9.85
N LYS A 32 -17.17 -18.44 8.54
CA LYS A 32 -18.49 -18.69 7.96
C LYS A 32 -18.53 -19.83 6.92
N ASP A 33 -19.45 -20.77 7.11
CA ASP A 33 -19.80 -21.77 6.08
C ASP A 33 -21.02 -21.23 5.35
N ILE A 34 -20.95 -21.06 4.05
CA ILE A 34 -22.10 -20.50 3.35
C ILE A 34 -22.79 -21.57 2.48
N TYR A 35 -24.10 -21.75 2.67
CA TYR A 35 -24.85 -22.81 1.99
C TYR A 35 -25.75 -22.26 0.90
N THR A 36 -26.26 -23.18 0.06
CA THR A 36 -27.15 -22.81 -1.02
C THR A 36 -28.60 -22.75 -0.54
N THR A 37 -29.44 -22.07 -1.30
CA THR A 37 -30.89 -22.29 -1.17
C THR A 37 -31.49 -22.77 -2.49
N GLU A 38 -32.79 -23.08 -2.44
CA GLU A 38 -33.60 -23.32 -3.62
C GLU A 38 -33.69 -22.08 -4.51
N ASP A 39 -33.48 -20.92 -3.92
CA ASP A 39 -33.39 -19.67 -4.64
C ASP A 39 -31.94 -19.35 -5.00
N GLU A 40 -31.59 -19.70 -6.24
CA GLU A 40 -30.31 -19.36 -6.88
C GLU A 40 -29.60 -18.12 -6.33
N ASN A 41 -30.38 -17.03 -6.20
CA ASN A 41 -29.93 -15.71 -5.73
C ASN A 41 -29.75 -15.57 -4.22
N LEU A 42 -30.25 -16.52 -3.45
CA LEU A 42 -30.10 -16.39 -2.02
C LEU A 42 -29.15 -17.45 -1.43
N ILE A 43 -28.44 -17.05 -0.38
CA ILE A 43 -27.37 -17.79 0.29
C ILE A 43 -27.83 -17.87 1.74
N ILE A 44 -27.65 -19.00 2.41
CA ILE A 44 -27.79 -18.96 3.86
C ILE A 44 -26.41 -19.07 4.52
N SER A 45 -26.04 -18.00 5.25
CA SER A 45 -24.78 -17.93 5.98
C SER A 45 -24.90 -18.43 7.42
N THR A 46 -23.90 -19.24 7.74
CA THR A 46 -23.72 -19.98 8.96
C THR A 46 -22.48 -19.41 9.61
N TYR A 47 -22.65 -18.78 10.78
CA TYR A 47 -21.52 -18.25 11.57
C TYR A 47 -20.95 -19.27 12.54
N LYS A 48 -19.66 -19.57 12.43
CA LYS A 48 -19.02 -20.60 13.28
C LYS A 48 -18.45 -20.10 14.64
N ASP A 49 -18.17 -21.03 15.55
CA ASP A 49 -17.58 -20.71 16.86
C ASP A 49 -16.05 -20.64 16.78
N GLN A 50 -15.52 -20.63 15.56
CA GLN A 50 -14.08 -20.59 15.33
C GLN A 50 -13.51 -19.16 15.33
N ALA A 51 -12.34 -18.99 15.98
CA ALA A 51 -11.62 -17.71 15.95
C ALA A 51 -10.16 -17.92 15.54
N THR A 52 -9.71 -17.16 14.54
CA THR A 52 -8.39 -17.32 13.93
C THR A 52 -7.54 -16.07 14.03
N ALA A 53 -6.27 -16.24 14.34
CA ALA A 53 -5.39 -15.09 14.58
C ALA A 53 -4.38 -14.81 13.45
N PHE A 54 -3.98 -13.54 13.38
CA PHE A 54 -3.23 -12.96 12.28
C PHE A 54 -3.32 -13.72 10.98
N ASN A 55 -2.19 -14.15 10.44
CA ASN A 55 -2.22 -14.80 9.13
C ASN A 55 -2.71 -16.24 9.20
N GLY A 56 -3.96 -16.37 9.66
CA GLY A 56 -4.58 -17.67 9.92
C GLY A 56 -3.80 -18.51 10.90
N VAL A 57 -2.71 -17.94 11.43
CA VAL A 57 -1.72 -18.68 12.23
C VAL A 57 -2.38 -19.49 13.35
N LYS A 58 -2.69 -18.85 14.48
CA LYS A 58 -3.35 -19.56 15.59
C LYS A 58 -4.89 -19.44 15.61
N LYS A 59 -5.55 -20.56 15.91
CA LYS A 59 -7.01 -20.64 15.96
C LYS A 59 -7.49 -21.36 17.21
N GLU A 60 -8.68 -21.01 17.66
CA GLU A 60 -9.32 -21.72 18.76
C GLU A 60 -10.82 -21.82 18.51
N GLN A 61 -11.43 -22.86 19.07
CA GLN A 61 -12.88 -22.95 19.21
C GLN A 61 -13.28 -22.16 20.42
N ILE A 62 -14.14 -21.18 20.23
CA ILE A 62 -14.69 -20.44 21.35
C ILE A 62 -16.21 -20.50 21.27
N ALA A 63 -16.82 -21.14 22.26
CA ALA A 63 -18.28 -21.34 22.22
C ALA A 63 -19.06 -20.01 22.27
N GLY A 64 -20.24 -20.01 21.66
CA GLY A 64 -21.12 -18.85 21.61
C GLY A 64 -20.78 -17.83 20.54
N LYS A 65 -19.50 -17.79 20.16
CA LYS A 65 -18.97 -16.80 19.22
C LYS A 65 -19.82 -16.58 17.97
N GLY A 66 -20.14 -17.64 17.22
CA GLY A 66 -20.94 -17.52 16.00
C GLY A 66 -22.30 -16.88 16.28
N VAL A 67 -22.93 -17.32 17.37
CA VAL A 67 -24.25 -16.80 17.74
C VAL A 67 -24.14 -15.31 18.03
N LEU A 68 -23.23 -15.01 18.96
CA LEU A 68 -22.94 -13.65 19.40
C LEU A 68 -22.70 -12.78 18.18
N ASN A 69 -21.78 -13.22 17.32
CA ASN A 69 -21.51 -12.56 16.06
C ASN A 69 -22.70 -12.45 15.15
N ASN A 70 -23.52 -13.51 15.11
CA ASN A 70 -24.64 -13.56 14.19
C ASN A 70 -25.71 -12.51 14.47
N GLN A 71 -26.03 -12.33 15.75
CA GLN A 71 -26.91 -11.24 16.15
C GLN A 71 -26.34 -9.83 15.87
N ILE A 72 -25.06 -9.62 16.23
CA ILE A 72 -24.46 -8.29 16.02
C ILE A 72 -24.56 -7.90 14.53
N SER A 73 -24.17 -8.82 13.66
CA SER A 73 -24.14 -8.55 12.26
C SER A 73 -25.55 -8.31 11.71
N SER A 74 -26.48 -9.21 12.06
CA SER A 74 -27.86 -9.09 11.59
C SER A 74 -28.46 -7.73 12.02
N PHE A 75 -28.30 -7.39 13.31
CA PHE A 75 -28.71 -6.09 13.88
C PHE A 75 -28.13 -4.86 13.17
N ILE A 76 -26.82 -4.84 12.91
CA ILE A 76 -26.19 -3.69 12.24
C ILE A 76 -26.68 -3.59 10.81
N PHE A 77 -26.48 -4.69 10.08
CA PHE A 77 -27.07 -4.86 8.75
C PHE A 77 -28.55 -4.47 8.62
N GLU A 78 -29.38 -4.80 9.61
CA GLU A 78 -30.78 -4.36 9.57
C GLU A 78 -30.86 -2.83 9.61
N LYS A 79 -30.31 -2.26 10.68
CA LYS A 79 -30.22 -0.81 10.83
C LYS A 79 -29.70 -0.10 9.54
N LEU A 80 -28.66 -0.65 8.92
CA LEU A 80 -28.22 -0.15 7.60
C LEU A 80 -29.36 -0.17 6.58
N ASN A 81 -30.00 -1.34 6.42
CA ASN A 81 -31.11 -1.45 5.47
C ASN A 81 -32.17 -0.36 5.75
N VAL A 82 -32.47 -0.12 7.02
CA VAL A 82 -33.48 0.90 7.32
C VAL A 82 -32.94 2.33 7.07
N ALA A 83 -31.64 2.53 7.27
CA ALA A 83 -31.01 3.77 6.89
C ALA A 83 -30.49 3.82 5.44
N GLY A 84 -31.04 2.94 4.56
CA GLY A 84 -30.88 3.10 3.10
C GLY A 84 -29.57 2.63 2.45
N VAL A 85 -28.90 1.70 3.10
CA VAL A 85 -27.69 1.13 2.53
C VAL A 85 -28.13 -0.17 1.89
N ALA A 86 -27.76 -0.38 0.63
CA ALA A 86 -28.00 -1.67 0.00
C ALA A 86 -27.13 -2.69 0.71
N THR A 87 -27.71 -3.84 1.09
CA THR A 87 -26.88 -4.96 1.61
C THR A 87 -27.39 -6.38 1.24
N HIS A 88 -26.64 -7.40 1.70
CA HIS A 88 -26.97 -8.75 1.27
C HIS A 88 -27.93 -9.36 2.25
N PHE A 89 -28.40 -8.55 3.19
CA PHE A 89 -29.19 -9.07 4.32
C PHE A 89 -30.68 -9.09 4.04
N VAL A 90 -31.26 -10.22 4.39
CA VAL A 90 -32.68 -10.45 4.20
C VAL A 90 -33.35 -10.61 5.56
N GLU A 91 -32.82 -11.55 6.37
CA GLU A 91 -33.31 -11.88 7.70
C GLU A 91 -32.34 -12.77 8.48
N LYS A 92 -32.48 -12.75 9.80
CA LYS A 92 -31.79 -13.75 10.60
C LYS A 92 -32.65 -15.01 10.72
N LEU A 93 -32.06 -16.12 10.29
CA LEU A 93 -32.72 -17.42 10.28
C LEU A 93 -32.74 -18.05 11.68
N SER A 94 -31.61 -18.00 12.37
CA SER A 94 -31.55 -18.51 13.74
C SER A 94 -30.30 -18.07 14.47
N ASP A 95 -29.89 -18.88 15.43
CA ASP A 95 -28.78 -18.54 16.31
C ASP A 95 -27.53 -18.34 15.50
N THR A 96 -27.41 -19.21 14.51
CA THR A 96 -26.17 -19.50 13.86
C THR A 96 -26.26 -19.14 12.39
N GLU A 97 -27.45 -18.86 11.92
CA GLU A 97 -27.66 -18.66 10.49
C GLU A 97 -28.39 -17.39 10.16
N GLN A 98 -28.08 -16.85 8.98
CA GLN A 98 -28.88 -15.75 8.40
C GLN A 98 -29.02 -16.02 6.92
N LEU A 99 -30.00 -15.36 6.32
CA LEU A 99 -30.21 -15.42 4.90
C LEU A 99 -29.66 -14.18 4.24
N ASN A 100 -28.96 -14.38 3.12
CA ASN A 100 -28.27 -13.33 2.44
C ASN A 100 -28.45 -13.48 0.95
N LYS A 101 -28.47 -12.34 0.24
CA LYS A 101 -28.41 -12.30 -1.23
C LYS A 101 -27.05 -12.77 -1.71
N LYS A 102 -27.02 -13.68 -2.70
CA LYS A 102 -25.79 -14.17 -3.32
C LYS A 102 -25.14 -13.06 -4.09
N VAL A 103 -23.84 -12.87 -3.86
CA VAL A 103 -23.12 -11.85 -4.61
C VAL A 103 -21.90 -12.48 -5.22
N LYS A 104 -21.47 -11.94 -6.33
CA LYS A 104 -20.13 -12.26 -6.77
C LYS A 104 -19.29 -11.30 -5.92
N ILE A 105 -18.63 -11.83 -4.88
CA ILE A 105 -17.76 -11.03 -4.00
C ILE A 105 -16.67 -10.30 -4.77
N ILE A 106 -16.32 -9.12 -4.27
CA ILE A 106 -15.20 -8.30 -4.75
C ILE A 106 -14.00 -8.67 -3.85
N PRO A 107 -12.97 -9.34 -4.40
CA PRO A 107 -11.92 -9.79 -3.50
C PRO A 107 -11.00 -8.59 -3.09
N LEU A 108 -11.66 -7.53 -2.61
CA LEU A 108 -11.05 -6.43 -1.90
C LEU A 108 -11.60 -6.45 -0.48
N GLU A 109 -10.71 -6.40 0.50
CA GLU A 109 -11.11 -5.98 1.83
C GLU A 109 -10.92 -4.46 2.00
N VAL A 110 -12.02 -3.77 2.32
CA VAL A 110 -12.01 -2.32 2.42
C VAL A 110 -12.01 -1.88 3.86
N VAL A 111 -10.90 -1.26 4.28
CA VAL A 111 -10.73 -0.84 5.69
C VAL A 111 -10.88 0.68 5.81
N LEU A 112 -11.84 1.17 6.59
CA LEU A 112 -11.87 2.61 6.94
C LEU A 112 -11.28 2.81 8.34
N ARG A 113 -10.41 3.81 8.49
CA ARG A 113 -9.82 4.15 9.79
C ARG A 113 -10.28 5.53 10.30
N ASN A 114 -10.84 5.57 11.51
CA ASN A 114 -11.18 6.83 12.23
C ASN A 114 -10.09 7.25 13.21
N TYR A 115 -9.57 6.25 13.94
CA TYR A 115 -8.47 6.37 14.91
C TYR A 115 -7.30 5.43 14.52
N THR A 116 -6.08 5.73 14.94
CA THR A 116 -4.97 4.80 14.64
C THR A 116 -4.97 3.57 15.58
N ALA A 117 -4.62 2.43 14.99
CA ALA A 117 -4.54 1.16 15.70
C ALA A 117 -3.78 0.17 14.83
N GLY A 118 -3.18 -0.84 15.46
CA GLY A 118 -2.65 -2.01 14.76
C GLY A 118 -1.75 -1.77 13.56
N SER A 119 -2.20 -2.15 12.38
CA SER A 119 -1.34 -2.11 11.21
C SER A 119 -0.90 -0.68 10.80
N PHE A 120 -1.81 0.28 10.87
CA PHE A 120 -1.52 1.67 10.53
C PHE A 120 -0.53 2.17 11.55
N SER A 121 -0.80 1.86 12.79
CA SER A 121 0.16 2.08 13.85
C SER A 121 1.53 1.48 13.50
N LYS A 122 1.56 0.27 12.94
CA LYS A 122 2.80 -0.47 12.63
C LYS A 122 3.64 0.20 11.53
N ARG A 123 2.97 0.46 10.42
CA ARG A 123 3.62 1.02 9.26
C ARG A 123 4.10 2.45 9.53
N PHE A 124 3.34 3.21 10.32
CA PHE A 124 3.66 4.62 10.42
C PHE A 124 4.35 4.90 11.75
N GLY A 125 4.48 3.89 12.59
CA GLY A 125 5.33 3.99 13.77
C GLY A 125 4.81 4.90 14.87
N VAL A 126 3.49 5.02 14.94
CA VAL A 126 2.87 5.78 16.00
C VAL A 126 1.85 4.97 16.79
N ASP A 127 1.51 5.53 17.95
CA ASP A 127 0.63 4.90 18.92
C ASP A 127 -0.78 4.55 18.47
N GLU A 128 -1.30 3.46 19.02
CA GLU A 128 -2.72 3.17 18.95
C GLU A 128 -3.43 4.25 19.75
N GLY A 129 -4.35 4.97 19.10
CA GLY A 129 -5.26 5.89 19.81
C GLY A 129 -5.44 7.30 19.29
N ILE A 130 -4.71 7.67 18.25
CA ILE A 130 -4.76 9.05 17.75
C ILE A 130 -5.88 9.21 16.71
N ALA A 131 -6.78 10.16 16.97
CA ALA A 131 -7.87 10.48 16.05
C ALA A 131 -7.31 10.84 14.72
N LEU A 132 -7.96 10.39 13.64
CA LEU A 132 -7.65 10.88 12.31
C LEU A 132 -8.85 11.66 11.82
N GLU A 133 -8.58 12.75 11.12
CA GLU A 133 -9.62 13.59 10.59
C GLU A 133 -9.03 14.28 9.36
N THR A 134 -9.25 13.78 8.15
CA THR A 134 -10.27 12.77 7.81
C THR A 134 -9.89 11.29 8.04
N PRO A 135 -10.93 10.43 8.05
CA PRO A 135 -10.72 8.98 8.08
C PRO A 135 -10.00 8.41 6.83
N ILE A 136 -8.98 7.56 7.01
CA ILE A 136 -8.29 6.89 5.88
C ILE A 136 -8.93 5.54 5.46
N VAL A 137 -9.21 5.37 4.16
CA VAL A 137 -9.65 4.08 3.61
C VAL A 137 -8.51 3.33 2.95
N GLU A 138 -8.42 2.02 3.21
CA GLU A 138 -7.36 1.14 2.69
C GLU A 138 -7.81 -0.21 2.15
N PHE A 139 -7.50 -0.44 0.87
CA PHE A 139 -7.73 -1.70 0.20
C PHE A 139 -6.68 -2.75 0.51
N TYR A 140 -7.12 -3.96 0.83
CA TYR A 140 -6.29 -5.18 0.77
C TYR A 140 -6.88 -6.24 -0.17
N TYR A 141 -6.05 -6.88 -0.99
CA TYR A 141 -6.52 -7.92 -1.92
C TYR A 141 -6.94 -9.16 -1.15
N LYS A 142 -8.23 -9.51 -1.20
CA LYS A 142 -8.72 -10.68 -0.47
C LYS A 142 -8.26 -11.94 -1.16
N ASN A 143 -7.07 -12.41 -0.76
CA ASN A 143 -6.39 -13.57 -1.34
C ASN A 143 -5.49 -14.16 -0.29
N ASP A 144 -5.96 -15.21 0.36
CA ASP A 144 -5.29 -15.72 1.55
C ASP A 144 -3.89 -16.29 1.31
N ASP A 145 -3.60 -16.72 0.09
CA ASP A 145 -2.25 -17.16 -0.23
C ASP A 145 -1.23 -16.03 -0.15
N LEU A 146 -1.70 -14.79 -0.41
CA LEU A 146 -0.83 -13.61 -0.43
C LEU A 146 -0.83 -12.87 0.93
N ASP A 147 -1.54 -13.45 1.91
CA ASP A 147 -1.80 -12.87 3.23
C ASP A 147 -2.46 -11.50 3.06
N ASP A 148 -3.43 -11.44 2.13
CA ASP A 148 -4.28 -10.26 1.90
C ASP A 148 -3.45 -8.97 1.86
N PRO A 149 -2.46 -8.89 0.97
CA PRO A 149 -1.53 -7.78 1.07
C PRO A 149 -2.22 -6.43 0.84
N PHE A 150 -1.61 -5.36 1.36
CA PHE A 150 -2.11 -4.02 1.15
C PHE A 150 -1.79 -3.54 -0.28
N ILE A 151 -2.82 -3.04 -0.95
CA ILE A 151 -2.66 -2.62 -2.32
C ILE A 151 -3.21 -1.22 -2.49
N ASN A 152 -2.82 -0.58 -3.58
CA ASN A 152 -3.24 0.77 -3.94
C ASN A 152 -4.13 0.72 -5.19
N ASP A 153 -4.79 1.84 -5.51
CA ASP A 153 -5.76 1.86 -6.62
C ASP A 153 -5.28 1.16 -7.87
N GLU A 154 -4.12 1.58 -8.39
CA GLU A 154 -3.58 1.04 -9.64
C GLU A 154 -3.33 -0.47 -9.62
N HIS A 155 -3.13 -1.03 -8.44
CA HIS A 155 -3.01 -2.48 -8.27
C HIS A 155 -4.33 -3.16 -8.44
N VAL A 156 -5.39 -2.43 -8.15
CA VAL A 156 -6.74 -2.96 -8.23
C VAL A 156 -7.15 -3.03 -9.69
N LYS A 157 -6.64 -2.07 -10.48
CA LYS A 157 -6.97 -1.97 -11.91
C LYS A 157 -6.17 -3.05 -12.66
N PHE A 158 -4.90 -3.14 -12.29
CA PHE A 158 -4.03 -4.24 -12.61
C PHE A 158 -4.77 -5.54 -12.40
N LEU A 159 -5.17 -5.79 -11.15
CA LEU A 159 -5.82 -7.03 -10.74
C LEU A 159 -7.14 -7.30 -11.43
N GLN A 160 -7.65 -6.28 -12.13
CA GLN A 160 -8.88 -6.34 -12.94
C GLN A 160 -10.16 -6.40 -12.11
N ILE A 161 -10.02 -6.02 -10.83
CA ILE A 161 -11.07 -6.06 -9.84
C ILE A 161 -12.17 -4.99 -10.08
N ALA A 162 -11.77 -3.77 -10.43
CA ALA A 162 -12.73 -2.68 -10.62
C ALA A 162 -12.14 -1.62 -11.52
N GLY A 163 -13.00 -0.85 -12.19
CA GLY A 163 -12.56 0.39 -12.83
C GLY A 163 -12.64 1.54 -11.85
N ASP A 164 -12.07 2.68 -12.25
CA ASP A 164 -12.08 3.90 -11.45
C ASP A 164 -13.42 4.32 -10.82
N GLN A 165 -14.43 4.51 -11.66
CA GLN A 165 -15.76 4.91 -11.19
C GLN A 165 -16.26 3.96 -10.10
N GLN A 166 -15.83 2.70 -10.17
CA GLN A 166 -16.26 1.72 -9.18
C GLN A 166 -15.49 1.82 -7.86
N ILE A 167 -14.18 2.07 -7.96
CA ILE A 167 -13.31 2.23 -6.78
C ILE A 167 -13.75 3.48 -6.01
N ALA A 168 -14.11 4.51 -6.77
CA ALA A 168 -14.70 5.72 -6.23
C ALA A 168 -16.01 5.39 -5.52
N TYR A 169 -16.79 4.44 -6.04
CA TYR A 169 -18.07 4.06 -5.40
C TYR A 169 -17.86 3.32 -4.08
N LEU A 170 -16.91 2.38 -4.06
CA LEU A 170 -16.57 1.62 -2.85
C LEU A 170 -16.13 2.55 -1.71
N LYS A 171 -15.44 3.63 -2.08
CA LYS A 171 -14.91 4.65 -1.18
C LYS A 171 -16.01 5.48 -0.49
N GLU A 172 -16.91 6.00 -1.32
CA GLU A 172 -17.84 7.02 -0.95
C GLU A 172 -18.94 6.35 -0.16
N GLU A 173 -19.13 5.06 -0.43
CA GLU A 173 -20.11 4.24 0.28
C GLU A 173 -19.57 3.81 1.63
N THR A 174 -18.28 3.45 1.71
CA THR A 174 -17.68 3.01 3.00
C THR A 174 -17.57 4.19 3.95
N ARG A 175 -17.58 5.39 3.37
CA ARG A 175 -17.57 6.63 4.13
C ARG A 175 -18.92 6.97 4.73
N ARG A 176 -19.95 7.03 3.91
CA ARG A 176 -21.29 7.29 4.45
C ARG A 176 -21.74 6.16 5.36
N ILE A 177 -21.14 4.99 5.19
CA ILE A 177 -21.35 3.87 6.10
C ILE A 177 -20.72 4.11 7.48
N ASN A 178 -19.50 4.64 7.51
CA ASN A 178 -18.83 5.02 8.77
C ASN A 178 -19.65 6.07 9.49
N GLU A 179 -20.19 7.00 8.69
CA GLU A 179 -20.94 8.14 9.19
C GLU A 179 -22.32 7.80 9.75
N LEU A 180 -22.56 6.51 9.93
CA LEU A 180 -23.80 5.99 10.50
C LEU A 180 -23.34 5.19 11.70
N LEU A 181 -22.40 4.29 11.41
CA LEU A 181 -21.83 3.35 12.35
C LEU A 181 -21.19 4.07 13.51
N LYS A 182 -20.41 5.11 13.22
CA LYS A 182 -19.73 5.87 14.26
C LYS A 182 -20.75 6.44 15.25
N VAL A 183 -21.85 6.99 14.71
CA VAL A 183 -22.91 7.59 15.54
C VAL A 183 -23.52 6.58 16.52
N TRP A 184 -24.16 5.56 15.96
CA TRP A 184 -24.76 4.48 16.73
C TRP A 184 -23.89 3.94 17.84
N PHE A 185 -22.58 3.87 17.57
CA PHE A 185 -21.67 3.36 18.56
C PHE A 185 -21.38 4.44 19.56
N ALA A 186 -21.38 5.69 19.09
CA ALA A 186 -21.24 6.82 19.99
C ALA A 186 -22.39 6.76 20.99
N GLU A 187 -23.62 6.74 20.50
CA GLU A 187 -24.78 6.74 21.39
C GLU A 187 -24.78 5.67 22.47
N ILE A 188 -24.17 4.51 22.22
CA ILE A 188 -24.02 3.46 23.25
C ILE A 188 -22.63 3.50 23.85
N GLY A 189 -21.84 4.52 23.50
CA GLY A 189 -20.58 4.80 24.19
C GLY A 189 -19.41 4.00 23.64
N LEU A 190 -19.43 3.75 22.34
CA LEU A 190 -18.40 2.93 21.72
C LEU A 190 -17.59 3.67 20.65
N LYS A 191 -16.27 3.53 20.79
CA LYS A 191 -15.35 4.24 19.90
C LYS A 191 -15.03 3.35 18.70
N LEU A 192 -15.62 3.68 17.54
CA LEU A 192 -15.34 3.07 16.25
C LEU A 192 -13.97 3.53 15.68
N ILE A 193 -12.93 2.83 16.12
CA ILE A 193 -11.55 3.04 15.73
C ILE A 193 -11.40 2.80 14.21
N ASP A 194 -11.82 1.61 13.76
CA ASP A 194 -11.71 1.19 12.37
C ASP A 194 -12.68 0.02 12.07
N PHE A 195 -12.97 -0.22 10.80
CA PHE A 195 -13.60 -1.49 10.43
C PHE A 195 -13.09 -2.00 9.10
N LYS A 196 -13.87 -2.89 8.48
CA LYS A 196 -13.36 -3.67 7.36
C LYS A 196 -14.57 -4.23 6.62
N LEU A 197 -14.89 -3.61 5.50
CA LEU A 197 -16.06 -4.03 4.74
C LEU A 197 -15.73 -5.13 3.69
N GLU A 198 -16.73 -5.77 3.12
CA GLU A 198 -16.57 -6.46 1.85
C GLU A 198 -17.84 -6.20 1.05
N PHE A 199 -17.67 -5.81 -0.22
CA PHE A 199 -18.79 -5.66 -1.14
C PHE A 199 -18.70 -6.69 -2.26
N GLY A 200 -19.81 -6.87 -2.99
CA GLY A 200 -19.95 -7.83 -4.07
C GLY A 200 -21.09 -7.43 -5.00
N PHE A 201 -21.25 -8.20 -6.08
CA PHE A 201 -22.29 -7.93 -7.06
C PHE A 201 -23.54 -8.81 -6.88
N ASP A 202 -24.71 -8.16 -6.81
CA ASP A 202 -26.00 -8.85 -6.77
C ASP A 202 -26.45 -9.45 -8.14
N LYS A 203 -27.62 -10.12 -8.12
CA LYS A 203 -28.17 -10.76 -9.32
C LYS A 203 -28.34 -9.80 -10.49
N ASP A 204 -28.36 -8.50 -10.21
CA ASP A 204 -28.53 -7.49 -11.27
C ASP A 204 -27.30 -6.61 -11.36
N GLY A 205 -26.17 -7.17 -10.93
CA GLY A 205 -24.86 -6.56 -11.13
C GLY A 205 -24.61 -5.25 -10.40
N LYS A 206 -25.38 -5.00 -9.35
CA LYS A 206 -25.23 -3.77 -8.56
C LYS A 206 -24.31 -4.08 -7.38
N ILE A 207 -23.34 -3.20 -7.13
CA ILE A 207 -22.49 -3.31 -5.95
C ILE A 207 -23.37 -3.18 -4.72
N ILE A 208 -23.07 -3.99 -3.70
CA ILE A 208 -23.95 -4.18 -2.57
C ILE A 208 -23.05 -4.56 -1.41
N LEU A 209 -23.26 -3.94 -0.25
CA LEU A 209 -22.59 -4.33 0.99
C LEU A 209 -23.02 -5.71 1.52
N ALA A 210 -22.06 -6.47 2.03
CA ALA A 210 -22.28 -7.89 2.27
C ALA A 210 -21.29 -8.35 3.28
N ASP A 211 -20.98 -9.65 3.28
CA ASP A 211 -20.19 -10.33 4.33
C ASP A 211 -20.82 -10.15 5.72
N GLU A 212 -20.13 -9.51 6.64
CA GLU A 212 -20.60 -9.42 8.00
C GLU A 212 -20.02 -8.18 8.65
N PHE A 213 -20.75 -7.60 9.59
CA PHE A 213 -20.12 -6.61 10.45
C PHE A 213 -20.17 -7.06 11.91
N SER A 214 -19.17 -7.83 12.33
CA SER A 214 -19.03 -8.24 13.73
C SER A 214 -17.82 -7.55 14.37
N PRO A 215 -17.56 -7.79 15.68
CA PRO A 215 -16.30 -7.28 16.24
C PRO A 215 -15.02 -8.05 15.83
N ASP A 216 -15.17 -9.12 15.06
CA ASP A 216 -14.00 -9.75 14.41
C ASP A 216 -13.42 -8.79 13.39
N ASN A 217 -14.29 -7.87 12.98
CA ASN A 217 -14.25 -7.21 11.70
C ASN A 217 -14.06 -5.70 11.86
N CYS A 218 -13.88 -5.25 13.10
CA CYS A 218 -13.83 -3.83 13.44
C CYS A 218 -13.13 -3.64 14.76
N ARG A 219 -12.88 -2.38 15.11
CA ARG A 219 -12.37 -2.03 16.42
C ARG A 219 -13.35 -1.12 17.11
N LEU A 220 -13.57 -1.41 18.38
CA LEU A 220 -14.50 -0.65 19.20
C LEU A 220 -13.84 -0.48 20.54
N TRP A 221 -13.27 0.69 20.77
CA TRP A 221 -12.71 1.03 22.08
C TRP A 221 -13.77 1.52 23.01
N ASP A 222 -13.61 1.10 24.25
CA ASP A 222 -14.22 1.73 25.40
C ASP A 222 -13.68 3.15 25.65
N ALA A 223 -14.49 3.97 26.31
CA ALA A 223 -14.03 5.27 26.83
C ALA A 223 -12.82 5.15 27.77
N ASP A 224 -12.68 4.05 28.50
CA ASP A 224 -11.47 3.78 29.27
C ASP A 224 -10.39 3.17 28.43
N GLY A 225 -10.64 3.09 27.13
CA GLY A 225 -9.66 2.56 26.20
C GLY A 225 -9.69 1.06 26.13
N ASN A 226 -10.71 0.45 26.73
CA ASN A 226 -10.85 -1.02 26.78
C ASN A 226 -11.28 -1.63 25.47
N HIS A 227 -10.74 -2.81 25.15
CA HIS A 227 -10.94 -3.44 23.82
C HIS A 227 -12.19 -4.24 23.73
N MET A 228 -13.16 -3.71 22.99
CA MET A 228 -14.44 -4.39 22.82
C MET A 228 -14.49 -5.15 21.48
N ASP A 229 -13.50 -6.01 21.27
CA ASP A 229 -13.36 -6.77 20.02
C ASP A 229 -12.29 -7.89 20.03
N LYS A 230 -12.14 -8.52 18.87
CA LYS A 230 -11.12 -9.52 18.57
C LYS A 230 -9.65 -9.20 19.01
N ASP A 231 -9.31 -7.93 19.22
CA ASP A 231 -8.02 -7.61 19.82
C ASP A 231 -7.81 -8.28 21.18
N VAL A 232 -8.91 -8.58 21.88
CA VAL A 232 -8.93 -9.42 23.07
C VAL A 232 -8.34 -10.82 22.79
N PHE A 233 -8.67 -11.39 21.63
CA PHE A 233 -8.17 -12.67 21.18
C PHE A 233 -6.72 -12.51 20.72
N ARG A 234 -6.49 -11.59 19.78
CA ARG A 234 -5.13 -11.33 19.22
C ARG A 234 -4.11 -11.07 20.32
N ARG A 235 -4.24 -9.93 21.01
CA ARG A 235 -3.36 -9.57 22.13
C ARG A 235 -3.62 -10.38 23.41
N GLY A 236 -4.49 -11.39 23.34
CA GLY A 236 -4.75 -12.32 24.46
C GLY A 236 -4.96 -11.66 25.81
N LEU A 237 -5.84 -10.65 25.84
CA LEU A 237 -6.10 -9.85 27.03
C LEU A 237 -7.14 -10.50 27.94
N GLY A 238 -7.68 -11.62 27.49
CA GLY A 238 -8.82 -12.22 28.16
C GLY A 238 -9.71 -12.86 27.13
N GLU A 239 -10.92 -13.23 27.54
CA GLU A 239 -11.77 -14.07 26.71
C GLU A 239 -12.82 -13.29 25.91
N LEU A 240 -13.06 -13.76 24.70
CA LEU A 240 -13.73 -12.99 23.65
C LEU A 240 -15.23 -12.76 23.88
N THR A 241 -15.93 -13.81 24.31
CA THR A 241 -17.39 -13.73 24.45
C THR A 241 -17.89 -12.80 25.57
N ASP A 242 -17.04 -12.52 26.57
CA ASP A 242 -17.38 -11.54 27.58
C ASP A 242 -17.74 -10.25 26.87
N VAL A 243 -16.75 -9.78 26.11
CA VAL A 243 -16.76 -8.47 25.48
C VAL A 243 -17.83 -8.39 24.38
N TYR A 244 -17.86 -9.43 23.57
CA TYR A 244 -18.80 -9.55 22.50
C TYR A 244 -20.23 -9.45 23.04
N GLU A 245 -20.50 -10.19 24.12
CA GLU A 245 -21.77 -10.05 24.81
C GLU A 245 -22.04 -8.59 25.23
N ILE A 246 -21.06 -7.93 25.88
CA ILE A 246 -21.25 -6.54 26.36
C ILE A 246 -21.71 -5.63 25.23
N VAL A 247 -21.10 -5.83 24.06
CA VAL A 247 -21.51 -5.10 22.87
C VAL A 247 -22.90 -5.51 22.39
N TRP A 248 -23.20 -6.79 22.45
CA TRP A 248 -24.54 -7.18 22.06
C TRP A 248 -25.54 -6.49 22.96
N GLU A 249 -25.36 -6.65 24.26
CA GLU A 249 -26.18 -5.92 25.24
C GLU A 249 -26.35 -4.44 24.87
N LYS A 250 -25.23 -3.72 24.79
CA LYS A 250 -25.24 -2.29 24.47
C LYS A 250 -26.04 -1.96 23.20
N LEU A 251 -25.73 -2.64 22.09
CA LEU A 251 -26.45 -2.50 20.83
C LEU A 251 -27.98 -2.64 20.96
N GLN A 252 -28.40 -3.51 21.89
CA GLN A 252 -29.82 -3.71 22.14
C GLN A 252 -30.50 -2.51 22.79
N GLU A 253 -29.69 -1.51 23.15
CA GLU A 253 -30.22 -0.31 23.77
C GLU A 253 -30.47 0.83 22.74
N LEU A 254 -30.55 0.47 21.47
CA LEU A 254 -30.59 1.44 20.42
C LEU A 254 -31.93 1.58 19.67
N LYS A 255 -32.08 2.74 19.02
CA LYS A 255 -33.24 3.19 18.21
C LYS A 255 -33.94 4.32 18.92
N SER B 22 36.20 23.32 -1.11
CA SER B 22 36.04 23.14 0.36
C SER B 22 34.83 23.89 0.91
N LYS B 23 33.81 23.12 1.30
CA LYS B 23 32.64 23.64 1.98
C LYS B 23 32.03 22.58 2.93
N GLN B 24 30.79 22.79 3.37
CA GLN B 24 30.29 22.08 4.55
C GLN B 24 29.31 20.91 4.29
N LEU B 25 29.54 19.79 5.00
CA LEU B 25 28.74 18.57 4.90
C LEU B 25 27.38 18.71 5.58
N ILE B 26 26.33 18.70 4.77
CA ILE B 26 24.98 18.80 5.26
C ILE B 26 24.49 17.43 5.74
N TYR B 27 24.41 16.46 4.83
CA TYR B 27 23.84 15.15 5.15
C TYR B 27 24.77 14.03 4.67
N SER B 28 24.78 12.92 5.39
CA SER B 28 25.65 11.80 5.02
C SER B 28 24.80 10.56 4.77
N GLY B 29 24.85 10.06 3.54
CA GLY B 29 23.96 8.98 3.11
C GLY B 29 24.56 7.59 3.01
N LYS B 30 23.91 6.74 2.22
CA LYS B 30 24.34 5.37 2.02
C LYS B 30 25.23 5.39 0.82
N ALA B 31 24.85 6.19 -0.16
CA ALA B 31 25.58 6.29 -1.43
C ALA B 31 26.15 7.69 -1.64
N LYS B 32 25.60 8.68 -0.93
CA LYS B 32 26.01 10.08 -1.15
C LYS B 32 26.18 10.93 0.12
N ASP B 33 27.31 11.66 0.17
CA ASP B 33 27.50 12.77 1.10
C ASP B 33 27.14 14.06 0.34
N ILE B 34 26.32 14.96 0.92
CA ILE B 34 26.06 16.27 0.27
C ILE B 34 26.74 17.45 1.00
N TYR B 35 27.39 18.32 0.22
CA TYR B 35 28.15 19.47 0.74
C TYR B 35 27.54 20.77 0.21
N THR B 36 27.86 21.88 0.88
CA THR B 36 27.38 23.20 0.47
C THR B 36 28.34 23.88 -0.50
N THR B 37 28.04 25.13 -0.84
CA THR B 37 28.89 25.95 -1.67
C THR B 37 28.94 27.36 -1.06
N GLU B 38 29.04 28.37 -1.91
CA GLU B 38 28.83 29.76 -1.51
C GLU B 38 27.49 30.29 -1.99
N ASP B 39 26.78 29.44 -2.71
CA ASP B 39 25.45 29.79 -3.23
C ASP B 39 24.39 29.00 -2.47
N GLU B 40 23.64 29.69 -1.61
CA GLU B 40 22.60 29.06 -0.78
C GLU B 40 21.80 27.96 -1.53
N ASN B 41 21.36 28.29 -2.74
CA ASN B 41 20.55 27.40 -3.58
C ASN B 41 21.30 26.24 -4.26
N LEU B 42 22.59 26.14 -4.00
CA LEU B 42 23.41 25.14 -4.69
C LEU B 42 24.16 24.21 -3.75
N ILE B 43 24.43 23.01 -4.26
CA ILE B 43 24.85 21.88 -3.44
C ILE B 43 25.72 20.99 -4.31
N ILE B 44 26.88 20.56 -3.82
CA ILE B 44 27.66 19.61 -4.60
C ILE B 44 27.53 18.22 -4.01
N SER B 45 27.12 17.29 -4.88
CA SER B 45 26.90 15.91 -4.52
C SER B 45 28.12 15.06 -4.80
N THR B 46 28.42 14.21 -3.83
CA THR B 46 29.59 13.37 -3.79
C THR B 46 29.12 11.91 -3.71
N TYR B 47 29.47 11.12 -4.72
CA TYR B 47 29.03 9.73 -4.79
C TYR B 47 30.05 8.77 -4.18
N LYS B 48 29.65 8.10 -3.09
CA LYS B 48 30.53 7.18 -2.37
C LYS B 48 30.58 5.78 -2.97
N ASP B 49 31.55 5.00 -2.50
CA ASP B 49 31.72 3.59 -2.90
C ASP B 49 30.93 2.63 -2.01
N GLN B 50 30.14 3.17 -1.09
CA GLN B 50 29.30 2.31 -0.27
C GLN B 50 28.30 1.58 -1.16
N ALA B 51 28.20 0.29 -0.97
CA ALA B 51 27.04 -0.45 -1.44
C ALA B 51 26.33 -1.03 -0.22
N THR B 52 25.00 -0.99 -0.22
CA THR B 52 24.21 -1.60 0.84
C THR B 52 23.01 -2.37 0.27
N ALA B 53 22.72 -3.53 0.87
CA ALA B 53 21.73 -4.49 0.35
C ALA B 53 20.30 -4.06 0.62
N PHE B 54 19.40 -5.02 0.83
CA PHE B 54 18.00 -4.74 1.19
C PHE B 54 17.94 -4.00 2.53
N ASN B 55 16.75 -3.50 2.87
CA ASN B 55 16.54 -2.65 4.08
C ASN B 55 17.39 -3.01 5.32
N GLY B 56 17.65 -4.31 5.52
CA GLY B 56 18.54 -4.81 6.58
C GLY B 56 20.01 -4.53 6.29
N VAL B 57 20.26 -3.28 5.87
CA VAL B 57 21.58 -2.69 5.55
C VAL B 57 22.86 -3.50 5.92
N LYS B 58 23.12 -4.56 5.14
CA LYS B 58 24.43 -5.21 5.13
C LYS B 58 25.34 -4.32 4.26
N LYS B 59 26.54 -4.02 4.75
CA LYS B 59 27.37 -2.99 4.13
C LYS B 59 28.68 -3.49 3.56
N GLU B 60 28.86 -3.25 2.26
CA GLU B 60 30.12 -3.49 1.57
C GLU B 60 30.55 -2.22 0.82
N GLN B 61 31.84 -1.90 0.87
CA GLN B 61 32.38 -0.76 0.11
C GLN B 61 33.07 -1.34 -1.13
N ILE B 62 32.63 -0.93 -2.32
CA ILE B 62 33.03 -1.59 -3.57
C ILE B 62 33.49 -0.62 -4.69
N ALA B 63 34.78 -0.69 -4.98
CA ALA B 63 35.54 0.31 -5.73
C ALA B 63 34.99 0.73 -7.10
N GLY B 64 35.12 2.01 -7.44
CA GLY B 64 34.75 2.51 -8.76
C GLY B 64 33.31 2.97 -8.81
N LYS B 65 32.48 2.33 -7.99
CA LYS B 65 31.03 2.55 -7.91
C LYS B 65 30.59 4.01 -7.86
N GLY B 66 31.23 4.81 -7.01
CA GLY B 66 30.94 6.24 -6.96
C GLY B 66 31.04 6.88 -8.34
N VAL B 67 32.13 6.58 -9.07
CA VAL B 67 32.42 7.23 -10.35
C VAL B 67 31.39 6.86 -11.43
N LEU B 68 31.07 5.56 -11.55
CA LEU B 68 30.11 5.06 -12.55
C LEU B 68 28.72 5.66 -12.33
N ASN B 69 28.23 5.51 -11.11
CA ASN B 69 27.00 6.13 -10.65
C ASN B 69 26.96 7.61 -11.04
N ASN B 70 27.98 8.38 -10.63
CA ASN B 70 28.09 9.81 -10.93
C ASN B 70 28.15 10.12 -12.44
N GLN B 71 28.86 9.28 -13.20
CA GLN B 71 28.83 9.37 -14.66
C GLN B 71 27.43 9.09 -15.22
N ILE B 72 26.91 7.89 -14.95
CA ILE B 72 25.61 7.49 -15.46
C ILE B 72 24.55 8.53 -15.10
N SER B 73 24.46 8.85 -13.82
CA SER B 73 23.47 9.81 -13.35
C SER B 73 23.64 11.16 -14.05
N SER B 74 24.86 11.67 -14.08
CA SER B 74 25.15 12.95 -14.74
C SER B 74 24.65 12.95 -16.22
N PHE B 75 24.92 11.85 -16.92
CA PHE B 75 24.50 11.64 -18.31
C PHE B 75 23.00 11.72 -18.50
N ILE B 76 22.27 10.78 -17.87
CA ILE B 76 20.80 10.68 -17.95
C ILE B 76 20.15 11.99 -17.56
N PHE B 77 20.62 12.56 -16.44
CA PHE B 77 20.08 13.81 -15.97
C PHE B 77 20.23 14.90 -16.99
N GLU B 78 21.42 15.02 -17.60
CA GLU B 78 21.64 15.92 -18.73
C GLU B 78 20.70 15.64 -19.90
N LYS B 79 20.73 14.41 -20.40
CA LYS B 79 19.76 13.98 -21.39
C LYS B 79 18.30 14.43 -21.07
N LEU B 80 17.88 14.30 -19.81
CA LEU B 80 16.54 14.72 -19.38
C LEU B 80 16.38 16.21 -19.57
N ASN B 81 17.37 16.95 -19.07
CA ASN B 81 17.35 18.39 -19.15
C ASN B 81 17.24 18.86 -20.61
N VAL B 82 17.95 18.17 -21.51
CA VAL B 82 17.87 18.49 -22.91
C VAL B 82 16.44 18.25 -23.41
N ALA B 83 15.85 17.15 -22.96
CA ALA B 83 14.44 16.81 -23.23
C ALA B 83 13.42 17.62 -22.40
N GLY B 84 13.91 18.64 -21.69
CA GLY B 84 13.04 19.64 -21.05
C GLY B 84 12.37 19.19 -19.75
N VAL B 85 12.89 18.11 -19.18
CA VAL B 85 12.48 17.67 -17.86
C VAL B 85 13.22 18.62 -16.92
N ALA B 86 12.51 19.16 -15.92
CA ALA B 86 13.11 20.08 -14.98
C ALA B 86 13.78 19.23 -13.92
N THR B 87 15.08 19.47 -13.71
CA THR B 87 15.82 18.67 -12.72
C THR B 87 16.88 19.47 -11.90
N HIS B 88 17.51 18.79 -10.93
CA HIS B 88 18.51 19.46 -10.11
C HIS B 88 19.89 19.48 -10.71
N PHE B 89 20.03 19.06 -11.98
CA PHE B 89 21.38 18.98 -12.61
C PHE B 89 21.91 20.27 -13.21
N VAL B 90 23.16 20.56 -12.88
CA VAL B 90 23.81 21.75 -13.41
C VAL B 90 25.03 21.34 -14.22
N GLU B 91 25.92 20.54 -13.62
CA GLU B 91 27.15 20.03 -14.25
C GLU B 91 27.81 18.92 -13.43
N LYS B 92 28.35 17.92 -14.11
CA LYS B 92 29.26 16.98 -13.46
C LYS B 92 30.58 17.73 -13.25
N LEU B 93 30.99 17.75 -11.99
CA LEU B 93 32.14 18.54 -11.55
C LEU B 93 33.40 17.67 -11.36
N SER B 94 33.22 16.41 -11.00
CA SER B 94 34.36 15.51 -10.86
C SER B 94 33.99 14.11 -11.30
N ASP B 95 34.95 13.20 -11.14
CA ASP B 95 34.70 11.78 -11.11
C ASP B 95 33.60 11.53 -10.09
N THR B 96 33.83 12.11 -8.92
CA THR B 96 33.16 11.77 -7.67
C THR B 96 32.01 12.72 -7.36
N GLU B 97 32.03 13.91 -7.96
CA GLU B 97 31.08 14.96 -7.60
C GLU B 97 30.34 15.53 -8.80
N GLN B 98 29.16 16.07 -8.51
CA GLN B 98 28.40 16.89 -9.47
C GLN B 98 27.83 18.07 -8.73
N LEU B 99 27.51 19.15 -9.44
CA LEU B 99 26.82 20.30 -8.83
C LEU B 99 25.34 20.25 -9.16
N ASN B 100 24.54 20.40 -8.12
CA ASN B 100 23.11 20.24 -8.17
C ASN B 100 22.42 21.45 -7.58
N LYS B 101 21.28 21.84 -8.15
CA LYS B 101 20.39 22.81 -7.51
C LYS B 101 19.90 22.20 -6.20
N LYS B 102 20.00 22.94 -5.09
CA LYS B 102 19.52 22.47 -3.77
C LYS B 102 18.01 22.62 -3.67
N VAL B 103 17.36 21.51 -3.38
CA VAL B 103 15.92 21.44 -3.33
C VAL B 103 15.59 20.95 -1.93
N LYS B 104 14.37 21.23 -1.49
CA LYS B 104 13.78 20.68 -0.27
C LYS B 104 13.18 19.31 -0.67
N ILE B 105 13.80 18.19 -0.24
CA ILE B 105 13.31 16.83 -0.58
C ILE B 105 11.87 16.50 -0.12
N ILE B 106 11.12 15.89 -1.04
CA ILE B 106 9.79 15.35 -0.78
C ILE B 106 10.01 13.87 -0.30
N PRO B 107 9.82 13.60 1.02
CA PRO B 107 10.10 12.22 1.53
C PRO B 107 9.12 11.19 0.94
N LEU B 108 9.15 11.02 -0.36
CA LEU B 108 8.23 10.16 -1.05
C LEU B 108 8.95 9.52 -2.22
N GLU B 109 9.51 8.33 -2.04
CA GLU B 109 10.08 7.62 -3.20
C GLU B 109 9.01 7.22 -4.25
N VAL B 110 9.19 7.72 -5.47
CA VAL B 110 8.26 7.43 -6.55
C VAL B 110 8.82 6.33 -7.43
N VAL B 111 8.13 5.19 -7.39
CA VAL B 111 8.52 3.97 -8.11
C VAL B 111 7.57 3.83 -9.30
N LEU B 112 8.12 3.74 -10.51
CA LEU B 112 7.28 3.36 -11.64
C LEU B 112 7.73 2.00 -12.16
N ARG B 113 6.76 1.10 -12.33
CA ARG B 113 7.04 -0.27 -12.76
C ARG B 113 6.56 -0.54 -14.18
N ASN B 114 7.49 -0.99 -15.02
CA ASN B 114 7.16 -1.45 -16.39
C ASN B 114 6.88 -2.96 -16.47
N TYR B 115 7.56 -3.72 -15.59
CA TYR B 115 7.55 -5.16 -15.57
C TYR B 115 7.51 -5.58 -14.11
N THR B 116 6.96 -6.76 -13.85
CA THR B 116 6.95 -7.33 -12.49
C THR B 116 8.36 -7.79 -12.07
N ALA B 117 8.74 -7.49 -10.82
CA ALA B 117 10.07 -7.83 -10.27
C ALA B 117 10.05 -7.67 -8.77
N GLY B 118 11.02 -8.23 -8.07
CA GLY B 118 11.27 -7.93 -6.64
C GLY B 118 10.05 -7.88 -5.72
N SER B 119 9.83 -6.73 -5.09
CA SER B 119 8.72 -6.53 -4.16
C SER B 119 7.29 -6.53 -4.75
N PHE B 120 7.14 -6.27 -6.06
CA PHE B 120 5.81 -6.41 -6.67
C PHE B 120 5.58 -7.90 -6.84
N SER B 121 6.53 -8.54 -7.47
CA SER B 121 6.49 -9.99 -7.53
C SER B 121 6.17 -10.63 -6.18
N LYS B 122 6.85 -10.24 -5.10
CA LYS B 122 6.56 -10.85 -3.78
C LYS B 122 5.12 -10.51 -3.38
N ARG B 123 4.77 -9.24 -3.49
CA ARG B 123 3.48 -8.81 -3.00
C ARG B 123 2.42 -9.62 -3.73
N PHE B 124 2.60 -9.78 -5.04
CA PHE B 124 1.58 -10.46 -5.81
C PHE B 124 1.89 -11.92 -6.18
N GLY B 125 2.92 -12.50 -5.55
CA GLY B 125 3.26 -13.92 -5.73
C GLY B 125 3.32 -14.35 -7.19
N VAL B 126 3.77 -13.44 -8.06
CA VAL B 126 3.90 -13.66 -9.49
C VAL B 126 5.37 -13.52 -9.85
N ASP B 127 5.76 -14.11 -10.97
CA ASP B 127 7.16 -14.14 -11.38
C ASP B 127 7.72 -12.75 -11.76
N GLU B 128 9.04 -12.63 -11.90
CA GLU B 128 9.57 -11.44 -12.53
C GLU B 128 9.79 -11.61 -14.02
N GLY B 129 9.70 -10.50 -14.75
CA GLY B 129 9.64 -10.48 -16.21
C GLY B 129 8.24 -10.34 -16.83
N ILE B 130 7.17 -10.30 -16.06
CA ILE B 130 5.85 -10.13 -16.70
C ILE B 130 5.59 -8.65 -17.02
N ALA B 131 5.49 -8.33 -18.32
CA ALA B 131 5.22 -6.98 -18.79
C ALA B 131 3.96 -6.38 -18.19
N LEU B 132 3.93 -5.06 -18.06
CA LEU B 132 2.74 -4.31 -17.71
C LEU B 132 2.52 -3.24 -18.78
N GLU B 133 1.31 -2.69 -18.82
CA GLU B 133 0.83 -1.91 -19.95
C GLU B 133 -0.63 -1.57 -19.68
N THR B 134 -0.92 -0.46 -18.97
CA THR B 134 0.05 0.60 -18.60
C THR B 134 0.97 0.28 -17.40
N PRO B 135 2.01 1.12 -17.19
CA PRO B 135 2.91 0.96 -16.05
C PRO B 135 2.30 1.46 -14.72
N ILE B 136 2.59 0.77 -13.62
CA ILE B 136 2.09 1.16 -12.28
C ILE B 136 3.11 2.02 -11.50
N VAL B 137 2.65 3.14 -10.92
CA VAL B 137 3.46 3.87 -9.94
C VAL B 137 3.08 3.55 -8.49
N GLU B 138 4.02 3.77 -7.58
CA GLU B 138 3.84 3.45 -6.19
C GLU B 138 4.65 4.43 -5.38
N PHE B 139 4.03 5.01 -4.36
CA PHE B 139 4.75 5.82 -3.41
C PHE B 139 5.30 4.99 -2.26
N TYR B 140 6.49 5.32 -1.77
CA TYR B 140 6.99 4.82 -0.46
C TYR B 140 7.45 5.97 0.42
N TYR B 141 7.10 5.94 1.69
CA TYR B 141 7.52 7.01 2.59
C TYR B 141 9.02 6.88 2.82
N LYS B 142 9.77 7.89 2.37
CA LYS B 142 11.20 7.87 2.49
C LYS B 142 11.52 8.19 3.93
N ASN B 143 11.41 7.16 4.77
CA ASN B 143 11.65 7.23 6.21
C ASN B 143 12.37 5.95 6.67
N ASP B 144 13.70 6.00 6.68
CA ASP B 144 14.51 4.82 7.04
C ASP B 144 14.04 4.10 8.31
N ASP B 145 13.54 4.86 9.28
CA ASP B 145 13.10 4.32 10.57
C ASP B 145 11.82 3.51 10.46
N LEU B 146 10.97 3.90 9.52
CA LEU B 146 9.75 3.17 9.21
C LEU B 146 9.98 2.12 8.11
N ASP B 147 11.26 1.89 7.78
CA ASP B 147 11.64 0.95 6.72
C ASP B 147 11.00 1.31 5.38
N ASP B 148 10.94 2.61 5.10
CA ASP B 148 10.46 3.16 3.83
C ASP B 148 9.19 2.51 3.32
N PRO B 149 8.17 2.48 4.17
CA PRO B 149 6.96 1.71 3.88
C PRO B 149 6.21 2.19 2.65
N PHE B 150 5.59 1.24 1.95
CA PHE B 150 4.70 1.49 0.81
C PHE B 150 3.43 2.17 1.32
N ILE B 151 2.99 3.22 0.64
CA ILE B 151 1.84 3.97 1.07
C ILE B 151 0.92 4.34 -0.07
N ASN B 152 -0.30 4.76 0.25
CA ASN B 152 -1.25 5.18 -0.78
C ASN B 152 -1.51 6.68 -0.68
N ASP B 153 -2.22 7.22 -1.66
CA ASP B 153 -2.43 8.67 -1.81
C ASP B 153 -2.96 9.33 -0.55
N GLU B 154 -3.89 8.67 0.15
CA GLU B 154 -4.46 9.21 1.37
C GLU B 154 -3.43 9.24 2.50
N HIS B 155 -2.55 8.25 2.56
CA HIS B 155 -1.45 8.25 3.50
C HIS B 155 -0.46 9.35 3.28
N VAL B 156 -0.34 9.77 2.03
CA VAL B 156 0.55 10.86 1.74
C VAL B 156 -0.06 12.17 2.22
N LYS B 157 -1.38 12.30 2.05
CA LYS B 157 -2.14 13.50 2.44
C LYS B 157 -2.14 13.67 3.97
N PHE B 158 -2.55 12.60 4.64
CA PHE B 158 -2.37 12.39 6.06
C PHE B 158 -0.97 12.85 6.55
N LEU B 159 0.06 12.38 5.84
CA LEU B 159 1.44 12.74 6.17
C LEU B 159 1.74 14.20 5.87
N GLN B 160 0.94 14.80 4.98
CA GLN B 160 0.99 16.23 4.68
C GLN B 160 2.24 16.55 3.89
N ILE B 161 2.71 15.54 3.17
CA ILE B 161 3.82 15.68 2.24
C ILE B 161 3.34 16.51 1.05
N ALA B 162 2.11 16.24 0.61
CA ALA B 162 1.54 16.84 -0.60
C ALA B 162 0.04 16.60 -0.64
N GLY B 163 -0.69 17.55 -1.21
CA GLY B 163 -2.11 17.35 -1.38
C GLY B 163 -2.37 16.82 -2.76
N ASP B 164 -3.64 16.84 -3.16
CA ASP B 164 -4.02 16.61 -4.55
C ASP B 164 -3.33 17.66 -5.43
N GLN B 165 -3.48 17.59 -6.74
CA GLN B 165 -2.67 18.41 -7.63
C GLN B 165 -1.16 18.13 -7.56
N GLN B 166 -0.62 17.94 -6.35
CA GLN B 166 0.80 17.55 -6.17
C GLN B 166 1.04 16.06 -6.42
N ILE B 167 0.21 15.22 -5.79
CA ILE B 167 0.12 13.76 -6.10
C ILE B 167 -0.04 13.45 -7.59
N ALA B 168 -0.93 14.17 -8.27
CA ALA B 168 -1.17 13.94 -9.69
C ALA B 168 -0.04 14.50 -10.56
N TYR B 169 0.72 15.46 -10.03
CA TYR B 169 1.90 15.94 -10.75
C TYR B 169 3.06 14.94 -10.68
N LEU B 170 3.22 14.28 -9.53
CA LEU B 170 4.34 13.36 -9.30
C LEU B 170 4.22 12.11 -10.15
N LYS B 171 2.97 11.76 -10.45
CA LYS B 171 2.64 10.67 -11.34
C LYS B 171 2.93 11.08 -12.78
N GLU B 172 2.31 12.20 -13.16
CA GLU B 172 2.19 12.65 -14.53
C GLU B 172 3.54 12.92 -15.19
N GLU B 173 4.51 13.29 -14.34
CA GLU B 173 5.88 13.56 -14.76
C GLU B 173 6.81 12.34 -14.64
N THR B 174 6.53 11.43 -13.71
CA THR B 174 7.28 10.17 -13.61
C THR B 174 6.99 9.27 -14.81
N ARG B 175 5.79 9.41 -15.35
CA ARG B 175 5.37 8.66 -16.51
C ARG B 175 6.09 9.21 -17.74
N ARG B 176 6.10 10.55 -17.82
CA ARG B 176 6.77 11.25 -18.92
C ARG B 176 8.24 10.88 -18.88
N ILE B 177 8.75 10.77 -17.66
CA ILE B 177 10.13 10.35 -17.43
C ILE B 177 10.36 8.89 -17.84
N ASN B 178 9.36 8.03 -17.64
CA ASN B 178 9.46 6.64 -18.03
C ASN B 178 9.52 6.51 -19.53
N GLU B 179 8.83 7.41 -20.22
CA GLU B 179 8.61 7.34 -21.65
C GLU B 179 9.85 7.72 -22.43
N LEU B 180 10.62 8.64 -21.84
CA LEU B 180 11.86 9.13 -22.39
C LEU B 180 12.86 8.02 -22.13
N LEU B 181 12.91 7.60 -20.86
CA LEU B 181 13.99 6.74 -20.38
C LEU B 181 13.87 5.37 -21.03
N LYS B 182 12.66 4.82 -21.05
CA LYS B 182 12.39 3.53 -21.66
C LYS B 182 12.89 3.45 -23.10
N VAL B 183 12.66 4.54 -23.85
CA VAL B 183 13.06 4.58 -25.27
C VAL B 183 14.58 4.49 -25.34
N TRP B 184 15.25 5.31 -24.53
CA TRP B 184 16.71 5.43 -24.54
C TRP B 184 17.44 4.14 -24.23
N PHE B 185 16.92 3.36 -23.29
CA PHE B 185 17.61 2.14 -22.83
C PHE B 185 17.36 1.05 -23.82
N ALA B 186 16.23 1.19 -24.50
CA ALA B 186 15.87 0.28 -25.56
C ALA B 186 16.98 0.38 -26.61
N GLU B 187 17.17 1.61 -27.10
CA GLU B 187 18.14 1.90 -28.14
C GLU B 187 19.55 1.35 -27.85
N ILE B 188 19.84 1.08 -26.59
CA ILE B 188 21.12 0.50 -26.21
C ILE B 188 20.89 -0.91 -25.71
N GLY B 189 19.73 -1.47 -26.05
CA GLY B 189 19.44 -2.89 -25.80
C GLY B 189 19.28 -3.27 -24.33
N LEU B 190 18.47 -2.51 -23.61
CA LEU B 190 18.22 -2.79 -22.19
C LEU B 190 16.79 -2.38 -21.90
N LYS B 191 16.08 -3.24 -21.18
CA LYS B 191 14.66 -3.01 -20.98
C LYS B 191 14.53 -2.38 -19.62
N LEU B 192 13.82 -1.25 -19.57
CA LEU B 192 13.70 -0.51 -18.32
C LEU B 192 12.58 -1.19 -17.52
N ILE B 193 12.94 -2.03 -16.54
CA ILE B 193 11.99 -2.88 -15.82
C ILE B 193 11.20 -2.06 -14.80
N ASP B 194 11.91 -1.24 -14.03
CA ASP B 194 11.34 -0.29 -13.07
C ASP B 194 12.39 0.75 -12.74
N PHE B 195 11.95 1.86 -12.15
CA PHE B 195 12.85 2.75 -11.45
C PHE B 195 12.22 3.43 -10.22
N LYS B 196 12.90 4.45 -9.73
CA LYS B 196 12.62 5.06 -8.42
C LYS B 196 13.14 6.50 -8.44
N LEU B 197 12.24 7.46 -8.38
CA LEU B 197 12.67 8.85 -8.30
C LEU B 197 12.69 9.43 -6.86
N GLU B 198 13.31 10.58 -6.69
CA GLU B 198 12.92 11.50 -5.63
C GLU B 198 12.71 12.87 -6.28
N PHE B 199 11.79 13.64 -5.75
CA PHE B 199 11.58 15.01 -6.16
C PHE B 199 11.63 15.93 -4.96
N GLY B 200 11.86 17.23 -5.18
CA GLY B 200 11.89 18.18 -4.10
C GLY B 200 11.61 19.56 -4.64
N PHE B 201 11.47 20.52 -3.73
CA PHE B 201 11.24 21.91 -4.13
C PHE B 201 12.52 22.72 -4.31
N ASP B 202 12.64 23.42 -5.42
CA ASP B 202 13.76 24.36 -5.60
C ASP B 202 13.48 25.68 -4.87
N LYS B 203 14.50 26.54 -4.76
CA LYS B 203 14.39 27.85 -4.10
C LYS B 203 13.18 28.67 -4.53
N ASP B 204 12.57 28.32 -5.67
CA ASP B 204 11.45 29.05 -6.23
C ASP B 204 10.13 28.32 -5.95
N GLY B 205 10.23 27.18 -5.27
CA GLY B 205 9.04 26.49 -4.79
C GLY B 205 8.51 25.38 -5.68
N LYS B 206 8.99 25.32 -6.92
CA LYS B 206 8.49 24.30 -7.85
C LYS B 206 9.05 22.92 -7.52
N ILE B 207 8.47 21.91 -8.19
CA ILE B 207 8.86 20.54 -7.99
C ILE B 207 9.76 20.12 -9.14
N ILE B 208 10.72 19.26 -8.83
CA ILE B 208 11.90 19.07 -9.64
C ILE B 208 12.54 17.69 -9.39
N LEU B 209 12.70 16.89 -10.45
CA LEU B 209 13.50 15.68 -10.36
C LEU B 209 14.89 15.94 -9.76
N ALA B 210 15.21 15.13 -8.75
CA ALA B 210 16.33 15.32 -7.86
C ALA B 210 17.11 14.03 -7.75
N ASP B 211 17.80 13.84 -6.63
CA ASP B 211 18.62 12.65 -6.32
C ASP B 211 19.58 12.25 -7.44
N GLU B 212 19.26 11.19 -8.15
CA GLU B 212 20.20 10.50 -9.02
C GLU B 212 19.46 9.43 -9.77
N PHE B 213 19.85 9.17 -11.02
CA PHE B 213 19.32 7.99 -11.73
C PHE B 213 20.47 7.09 -12.22
N SER B 214 20.86 6.11 -11.39
CA SER B 214 21.93 5.17 -11.72
C SER B 214 21.36 3.75 -11.70
N PRO B 215 22.20 2.70 -11.89
CA PRO B 215 21.64 1.34 -11.82
C PRO B 215 21.24 0.91 -10.41
N ASP B 216 21.49 1.79 -9.43
CA ASP B 216 21.21 1.48 -8.04
C ASP B 216 19.73 1.59 -7.76
N ASN B 217 19.09 2.54 -8.45
CA ASN B 217 17.68 2.84 -8.21
C ASN B 217 16.72 2.57 -9.41
N CYS B 218 17.16 1.68 -10.30
CA CYS B 218 16.34 1.17 -11.37
C CYS B 218 16.79 -0.24 -11.62
N ARG B 219 15.94 -0.99 -12.33
CA ARG B 219 16.26 -2.35 -12.80
C ARG B 219 16.50 -2.36 -14.30
N LEU B 220 17.46 -3.19 -14.70
CA LEU B 220 17.87 -3.20 -16.10
C LEU B 220 18.05 -4.63 -16.52
N TRP B 221 17.26 -4.99 -17.52
CA TRP B 221 17.34 -6.32 -18.04
C TRP B 221 17.99 -6.37 -19.38
N ASP B 222 19.03 -7.19 -19.45
CA ASP B 222 19.64 -7.62 -20.68
C ASP B 222 18.57 -8.34 -21.51
N ALA B 223 18.62 -8.16 -22.83
CA ALA B 223 17.66 -8.82 -23.70
C ALA B 223 17.68 -10.34 -23.48
N ASP B 224 18.67 -10.83 -22.75
CA ASP B 224 18.71 -12.22 -22.31
C ASP B 224 18.40 -12.43 -20.84
N GLY B 225 17.75 -11.46 -20.20
CA GLY B 225 17.39 -11.58 -18.78
C GLY B 225 18.52 -11.26 -17.81
N ASN B 226 19.73 -11.09 -18.32
CA ASN B 226 20.87 -10.64 -17.51
C ASN B 226 20.60 -9.32 -16.79
N HIS B 227 20.87 -9.28 -15.49
CA HIS B 227 20.58 -8.10 -14.67
C HIS B 227 21.72 -7.11 -14.75
N MET B 228 21.47 -5.93 -15.32
CA MET B 228 22.53 -4.93 -15.50
C MET B 228 22.47 -3.82 -14.43
N ASP B 229 22.18 -4.22 -13.20
CA ASP B 229 21.75 -3.34 -12.13
C ASP B 229 22.18 -3.87 -10.75
N LYS B 230 21.76 -3.15 -9.70
CA LYS B 230 22.02 -3.50 -8.30
C LYS B 230 21.61 -4.94 -7.87
N ASP B 231 20.62 -5.54 -8.54
CA ASP B 231 20.27 -6.95 -8.23
C ASP B 231 21.48 -7.93 -8.29
N VAL B 232 22.59 -7.47 -8.85
CA VAL B 232 23.83 -8.25 -8.88
C VAL B 232 24.47 -8.31 -7.47
N PHE B 233 24.43 -7.20 -6.74
CA PHE B 233 24.97 -7.11 -5.38
C PHE B 233 24.10 -7.91 -4.40
N ARG B 234 22.78 -7.73 -4.52
CA ARG B 234 21.79 -8.36 -3.64
C ARG B 234 21.63 -9.86 -3.87
N ARG B 235 21.19 -10.26 -5.07
CA ARG B 235 21.00 -11.69 -5.41
C ARG B 235 22.36 -12.37 -5.46
N GLY B 236 23.37 -11.60 -5.89
CA GLY B 236 24.77 -12.02 -5.82
C GLY B 236 25.30 -12.67 -7.09
N LEU B 237 24.81 -12.23 -8.25
CA LEU B 237 25.08 -12.94 -9.51
C LEU B 237 26.35 -12.48 -10.25
N GLY B 238 27.14 -11.62 -9.61
CA GLY B 238 28.46 -11.26 -10.11
C GLY B 238 29.07 -10.10 -9.32
N GLU B 239 30.09 -9.48 -9.87
CA GLU B 239 30.68 -8.31 -9.24
C GLU B 239 30.09 -7.04 -9.86
N LEU B 240 29.74 -6.09 -8.99
CA LEU B 240 28.92 -4.93 -9.33
C LEU B 240 29.50 -4.02 -10.43
N THR B 241 30.68 -3.47 -10.19
CA THR B 241 31.34 -2.54 -11.11
C THR B 241 31.35 -3.03 -12.56
N ASP B 242 31.22 -4.34 -12.77
CA ASP B 242 31.30 -4.97 -14.08
C ASP B 242 30.11 -4.67 -14.96
N VAL B 243 28.92 -4.89 -14.40
CA VAL B 243 27.66 -4.62 -15.09
C VAL B 243 27.43 -3.12 -15.24
N TYR B 244 27.80 -2.37 -14.20
CA TYR B 244 27.73 -0.92 -14.27
C TYR B 244 28.65 -0.40 -15.38
N GLU B 245 29.91 -0.85 -15.36
CA GLU B 245 30.85 -0.56 -16.44
C GLU B 245 30.18 -0.76 -17.81
N ILE B 246 29.49 -1.89 -17.98
CA ILE B 246 28.80 -2.23 -19.26
C ILE B 246 27.71 -1.20 -19.60
N VAL B 247 26.89 -0.87 -18.60
CA VAL B 247 25.85 0.11 -18.82
C VAL B 247 26.46 1.48 -19.18
N TRP B 248 27.45 1.93 -18.42
CA TRP B 248 28.13 3.15 -18.79
C TRP B 248 28.63 3.13 -20.23
N GLU B 249 29.30 2.04 -20.61
CA GLU B 249 29.79 1.84 -21.99
C GLU B 249 28.68 1.98 -23.05
N LYS B 250 27.58 1.27 -22.84
CA LYS B 250 26.41 1.34 -23.71
C LYS B 250 25.78 2.73 -23.83
N LEU B 251 25.74 3.49 -22.72
CA LEU B 251 25.06 4.80 -22.71
C LEU B 251 25.72 5.80 -23.67
N GLN B 252 27.04 5.75 -23.77
CA GLN B 252 27.77 6.65 -24.67
C GLN B 252 27.54 6.27 -26.13
N GLU B 253 26.72 5.26 -26.37
CA GLU B 253 26.17 4.99 -27.70
C GLU B 253 25.04 5.97 -28.03
N LEU B 254 24.70 6.84 -27.10
CA LEU B 254 23.77 7.93 -27.38
C LEU B 254 24.52 9.24 -27.35
MG MG C . -14.63 -12.88 6.51
PB ADP D . -12.76 -15.38 5.57
O1B ADP D . -12.27 -16.71 6.13
O2B ADP D . -12.12 -14.94 4.26
O3B ADP D . -12.94 -14.26 6.59
PA ADP D . -15.46 -16.13 6.03
O1A ADP D . -14.91 -17.07 7.08
O2A ADP D . -16.18 -14.85 6.43
O3A ADP D . -14.25 -15.73 5.05
O5' ADP D . -16.28 -16.98 4.94
C5' ADP D . -17.24 -16.28 4.16
C4' ADP D . -16.83 -16.30 2.72
O4' ADP D . -18.03 -16.02 1.99
C3' ADP D . -15.85 -15.17 2.37
O3' ADP D . -14.98 -15.63 1.31
C2' ADP D . -16.78 -14.05 1.91
O2' ADP D . -16.21 -13.08 1.02
C1' ADP D . -17.88 -14.82 1.22
N9 ADP D . -19.17 -14.10 1.23
C8 ADP D . -19.60 -13.19 2.13
N7 ADP D . -20.85 -12.77 1.81
C5 ADP D . -21.25 -13.42 0.68
C6 ADP D . -22.46 -13.45 -0.18
N6 ADP D . -23.54 -12.68 0.10
N1 ADP D . -22.46 -14.28 -1.25
C2 ADP D . -21.41 -15.07 -1.51
N3 ADP D . -20.26 -15.11 -0.77
C4 ADP D . -20.13 -14.31 0.32
CL CL E . 2.79 -3.32 2.65
C ACT F . -4.86 -4.67 11.94
O ACT F . -5.91 -5.16 12.44
OXT ACT F . -4.87 -3.70 11.11
CH3 ACT F . -3.57 -5.30 12.39
MG MG G . 19.52 7.21 -2.71
PB ADP H . 19.64 7.46 0.86
O1B ADP H . 20.55 6.82 1.89
O2B ADP H . 18.26 7.86 1.35
O3B ADP H . 19.63 6.77 -0.51
PA ADP H . 21.72 9.03 -0.21
O1A ADP H . 22.76 8.03 0.22
O2A ADP H . 21.32 9.16 -1.66
O3A ADP H . 20.37 8.86 0.64
O5' ADP H . 22.12 10.45 0.43
C5' ADP H . 21.81 11.59 -0.33
C4' ADP H . 20.67 12.37 0.28
O4' ADP H . 20.67 13.59 -0.45
C3' ADP H . 19.29 11.71 0.08
O3' ADP H . 18.61 11.65 1.34
C2' ADP H . 18.56 12.60 -0.90
O2' ADP H . 17.19 12.85 -0.58
C1' ADP H . 19.32 13.90 -0.72
N9 ADP H . 19.25 14.76 -1.88
C8 ADP H . 19.32 14.42 -3.17
N7 ADP H . 19.22 15.55 -3.94
C5 ADP H . 19.12 16.62 -3.12
C6 ADP H . 19.00 18.10 -3.24
N6 ADP H . 18.97 18.70 -4.46
N1 ADP H . 18.91 18.86 -2.11
C2 ADP H . 18.94 18.29 -0.89
N3 ADP H . 19.06 16.95 -0.69
C4 ADP H . 19.15 16.09 -1.75
C ACT I . 11.32 -3.38 -4.97
O ACT I . 12.16 -4.15 -4.46
OXT ACT I . 10.64 -3.67 -5.97
CH3 ACT I . 11.12 -2.04 -4.32
#